data_4EAJ
#
_entry.id   4EAJ
#
_cell.length_a   97.104
_cell.length_b   116.006
_cell.length_c   48.840
_cell.angle_alpha   90.000
_cell.angle_beta   90.000
_cell.angle_gamma   90.000
#
_symmetry.space_group_name_H-M   'P 21 21 2'
#
loop_
_entity.id
_entity.type
_entity.pdbx_description
1 polymer "5'-AMP-activated protein kinase catalytic subunit alpha-1"
2 polymer "5'-AMP-activated protein kinase subunit beta-2"
3 polymer "5'-AMP-activated protein kinase subunit gamma-1"
4 non-polymer "ADENOSINE-5'-TRIPHOSPHATE"
5 non-polymer 'ADENOSINE MONOPHOSPHATE'
6 water water
#
loop_
_entity_poly.entity_id
_entity_poly.type
_entity_poly.pdbx_seq_one_letter_code
_entity_poly.pdbx_strand_id
1 'polypeptide(L)'
;GPHMGAKWHLGIRSQSRPNDIMAEVCRAIKQLDYEWKVVNPYYLRVRRKNPVTSTFSKMSLQLYQVDSRTYLLDFRSIDD
GGGGGGGSHTIEFFEMCANLIKILAQ
;
A
2 'polypeptide(L)'
;MYGQEMYAFRSEERFKSPPILPPHLLQVILNKDTNISCDPALLPEPNHVMLNHLYALSIKDSVMVLSATHRYKKKYVTTL
LYKPI
;
B
3 'polypeptide(L)'
;MESVAAESAPAPENEHSQETPESNSSVYTTFMKSHRCYDLIPTSSKLVVFDTSLQVKKAFFALVTNGVRAAPLWDSKKQS
FVGMLTITDFINILHRYYKSALVQIYELEEHKIETWREVYLQDSFKPLVCISPNASLFDAVSSLIRNKIHRLPVIDPESG
NTLYILTHKRILKFLKLFITEFPKPEFMSKSLEELQIGTYANIAMVRTTTPVYVALGIFVQHRVSALPVVDEKGRVVDIY
SKFDVINLAAEKTYNNLDVSVTKALQHRSHYFEGVLKCYLHETLEAIINRLVEAEVHRLVVVDEHDVVKGIVSLSDILQA
LVLTGGEKKP
;
C
#
loop_
_chem_comp.id
_chem_comp.type
_chem_comp.name
_chem_comp.formula
AMP non-polymer 'ADENOSINE MONOPHOSPHATE' 'C10 H14 N5 O7 P'
ATP non-polymer ADENOSINE-5'-TRIPHOSPHATE 'C10 H16 N5 O13 P3'
#
# COMPACT_ATOMS: atom_id res chain seq x y z
N ALA A 6 4.25 17.42 -4.30
CA ALA A 6 2.84 17.59 -3.98
C ALA A 6 2.63 18.74 -3.00
N LYS A 7 1.57 19.52 -3.20
CA LYS A 7 1.24 20.61 -2.31
C LYS A 7 -0.06 20.35 -1.56
N TRP A 8 0.03 20.16 -0.27
CA TRP A 8 -1.12 19.83 0.58
C TRP A 8 -1.63 21.06 1.28
N HIS A 9 -2.95 21.26 1.23
CA HIS A 9 -3.58 22.41 1.89
C HIS A 9 -4.39 22.01 3.11
N LEU A 10 -4.24 22.76 4.19
CA LEU A 10 -5.05 22.52 5.38
C LEU A 10 -6.49 22.99 5.14
N GLY A 11 -7.44 22.07 5.28
CA GLY A 11 -8.84 22.40 5.12
C GLY A 11 -9.10 23.24 3.87
N ILE A 12 -9.89 24.30 4.03
CA ILE A 12 -10.25 25.15 2.90
C ILE A 12 -10.24 26.62 3.31
N ARG A 13 -10.20 27.51 2.33
CA ARG A 13 -10.09 28.94 2.59
C ARG A 13 -11.21 29.76 1.95
N SER A 14 -11.57 30.86 2.59
CA SER A 14 -12.54 31.79 2.02
C SER A 14 -12.24 33.22 2.42
N GLN A 15 -12.78 34.17 1.66
CA GLN A 15 -12.65 35.58 1.98
C GLN A 15 -14.02 36.22 2.23
N SER A 16 -15.01 35.38 2.55
CA SER A 16 -16.30 35.86 3.02
C SER A 16 -16.17 36.27 4.48
N ARG A 17 -17.23 36.83 5.05
CA ARG A 17 -17.24 37.20 6.45
C ARG A 17 -17.43 35.94 7.30
N PRO A 18 -16.72 35.84 8.42
CA PRO A 18 -16.81 34.68 9.30
C PRO A 18 -18.24 34.23 9.50
N ASN A 19 -19.14 35.17 9.78
CA ASN A 19 -20.55 34.86 9.95
C ASN A 19 -21.17 34.26 8.69
N ASP A 20 -20.86 34.85 7.54
CA ASP A 20 -21.32 34.32 6.27
C ASP A 20 -20.85 32.88 6.10
N ILE A 21 -19.57 32.66 6.38
CA ILE A 21 -18.97 31.34 6.24
C ILE A 21 -19.68 30.28 7.07
N MET A 22 -19.86 30.57 8.36
CA MET A 22 -20.51 29.63 9.26
C MET A 22 -21.95 29.41 8.85
N ALA A 23 -22.52 30.38 8.16
CA ALA A 23 -23.87 30.22 7.62
C ALA A 23 -23.87 29.14 6.56
N GLU A 24 -23.00 29.25 5.56
CA GLU A 24 -23.03 28.28 4.48
C GLU A 24 -22.68 26.86 4.91
N VAL A 25 -21.77 26.70 5.88
CA VAL A 25 -21.42 25.34 6.30
C VAL A 25 -22.56 24.71 7.09
N CYS A 26 -23.33 25.52 7.80
CA CYS A 26 -24.53 25.00 8.44
C CYS A 26 -25.56 24.55 7.41
N ARG A 27 -25.73 25.36 6.36
CA ARG A 27 -26.62 24.98 5.27
C ARG A 27 -26.12 23.73 4.55
N ALA A 28 -24.84 23.71 4.20
CA ALA A 28 -24.24 22.53 3.57
C ALA A 28 -24.44 21.29 4.43
N ILE A 29 -24.23 21.43 5.74
CA ILE A 29 -24.44 20.32 6.66
C ILE A 29 -25.87 19.81 6.64
N LYS A 30 -26.83 20.72 6.80
CA LYS A 30 -28.25 20.37 6.78
C LYS A 30 -28.61 19.61 5.50
N GLN A 31 -28.08 20.07 4.37
CA GLN A 31 -28.33 19.43 3.09
C GLN A 31 -27.96 17.95 3.12
N LEU A 32 -26.84 17.63 3.75
CA LEU A 32 -26.38 16.25 3.88
C LEU A 32 -27.21 15.46 4.88
N ASP A 33 -27.87 16.17 5.78
CA ASP A 33 -28.69 15.56 6.82
C ASP A 33 -27.83 14.97 7.94
N TYR A 34 -26.69 15.61 8.21
CA TYR A 34 -25.88 15.28 9.36
C TYR A 34 -26.42 16.09 10.53
N GLU A 35 -26.22 15.61 11.75
CA GLU A 35 -26.58 16.39 12.92
C GLU A 35 -25.36 17.20 13.33
N TRP A 36 -25.58 18.42 13.81
CA TRP A 36 -24.47 19.27 14.21
C TRP A 36 -24.76 19.99 15.52
N LYS A 37 -23.69 20.36 16.23
CA LYS A 37 -23.79 21.08 17.49
C LYS A 37 -22.92 22.34 17.41
N VAL A 38 -23.36 23.41 18.07
CA VAL A 38 -22.63 24.68 18.01
C VAL A 38 -21.92 24.99 19.33
N VAL A 39 -20.65 24.65 19.40
CA VAL A 39 -19.84 24.89 20.60
C VAL A 39 -19.52 26.38 20.73
N ASN A 40 -18.72 26.89 19.79
CA ASN A 40 -18.50 28.32 19.67
C ASN A 40 -19.30 28.78 18.47
N PRO A 41 -19.30 30.09 18.20
CA PRO A 41 -19.85 30.56 16.93
C PRO A 41 -18.93 30.15 15.79
N TYR A 42 -17.74 29.67 16.15
CA TYR A 42 -16.72 29.31 15.18
C TYR A 42 -16.22 27.88 15.36
N TYR A 43 -17.04 27.06 16.02
CA TYR A 43 -16.67 25.68 16.29
C TYR A 43 -17.91 24.78 16.26
N LEU A 44 -17.90 23.80 15.34
CA LEU A 44 -19.03 22.90 15.16
C LEU A 44 -18.61 21.44 15.31
N ARG A 45 -19.25 20.73 16.24
CA ARG A 45 -19.15 19.28 16.25
C ARG A 45 -20.27 18.74 15.39
N VAL A 46 -19.95 17.85 14.46
CA VAL A 46 -20.98 17.27 13.61
C VAL A 46 -21.01 15.76 13.74
N ARG A 47 -22.22 15.21 13.75
CA ARG A 47 -22.42 13.77 13.87
C ARG A 47 -23.18 13.22 12.67
N ARG A 48 -22.95 11.95 12.39
CA ARG A 48 -23.50 11.33 11.20
C ARG A 48 -23.62 9.82 11.44
N LYS A 49 -24.74 9.24 11.03
CA LYS A 49 -24.93 7.81 11.16
C LYS A 49 -24.79 7.10 9.81
N ASN A 50 -23.93 6.09 9.77
CA ASN A 50 -23.70 5.36 8.54
C ASN A 50 -24.92 4.55 8.13
N PRO A 51 -25.44 4.82 6.92
CA PRO A 51 -26.60 4.13 6.37
C PRO A 51 -26.35 2.63 6.19
N VAL A 52 -25.11 2.28 5.85
CA VAL A 52 -24.74 0.88 5.65
C VAL A 52 -24.31 0.21 6.96
N THR A 53 -23.42 0.84 7.70
CA THR A 53 -22.83 0.21 8.89
C THR A 53 -23.56 0.55 10.20
N SER A 54 -24.40 1.58 10.18
CA SER A 54 -25.17 1.99 11.36
C SER A 54 -24.32 2.62 12.47
N THR A 55 -23.03 2.78 12.21
CA THR A 55 -22.14 3.41 13.20
C THR A 55 -22.27 4.92 13.14
N PHE A 56 -21.70 5.59 14.14
CA PHE A 56 -21.67 7.05 14.16
C PHE A 56 -20.24 7.57 14.00
N SER A 57 -20.09 8.64 13.22
CA SER A 57 -18.81 9.31 13.09
C SER A 57 -18.96 10.79 13.41
N LYS A 58 -18.03 11.30 14.21
CA LYS A 58 -18.03 12.69 14.64
C LYS A 58 -16.80 13.43 14.12
N MET A 59 -16.95 14.73 13.90
CA MET A 59 -15.81 15.57 13.53
C MET A 59 -16.03 17.04 13.89
N SER A 60 -14.93 17.79 13.97
CA SER A 60 -14.98 19.19 14.30
C SER A 60 -14.76 20.07 13.08
N LEU A 61 -15.58 21.10 12.95
CA LEU A 61 -15.34 22.17 11.97
C LEU A 61 -14.96 23.43 12.73
N GLN A 62 -13.72 23.90 12.54
CA GLN A 62 -13.24 25.08 13.24
C GLN A 62 -12.74 26.13 12.27
N LEU A 63 -13.23 27.36 12.43
CA LEU A 63 -12.82 28.47 11.57
C LEU A 63 -11.71 29.27 12.23
N TYR A 64 -10.62 29.46 11.49
CA TYR A 64 -9.52 30.27 11.95
C TYR A 64 -9.34 31.47 11.03
N GLN A 65 -8.68 32.51 11.54
CA GLN A 65 -8.27 33.62 10.72
C GLN A 65 -6.80 33.42 10.38
N VAL A 66 -6.48 33.44 9.09
CA VAL A 66 -5.11 33.22 8.63
C VAL A 66 -4.54 34.47 7.98
N ASP A 67 -5.42 35.40 7.65
CA ASP A 67 -5.06 36.60 6.93
C ASP A 67 -5.83 37.76 7.53
N SER A 68 -5.71 38.92 6.90
CA SER A 68 -6.59 40.02 7.23
C SER A 68 -7.88 39.86 6.42
N ARG A 69 -7.76 39.25 5.25
CA ARG A 69 -8.94 39.04 4.41
C ARG A 69 -9.39 37.59 4.34
N THR A 70 -8.60 36.68 4.92
CA THR A 70 -8.83 35.24 4.68
C THR A 70 -9.04 34.38 5.93
N TYR A 71 -9.99 33.46 5.84
CA TYR A 71 -10.26 32.52 6.90
C TYR A 71 -10.13 31.09 6.41
N LEU A 72 -9.89 30.19 7.35
CA LEU A 72 -9.58 28.80 7.07
C LEU A 72 -10.56 27.92 7.84
N LEU A 73 -11.28 27.05 7.14
CA LEU A 73 -12.16 26.09 7.80
C LEU A 73 -11.42 24.78 8.01
N ASP A 74 -11.31 24.38 9.28
CA ASP A 74 -10.54 23.21 9.66
C ASP A 74 -11.44 21.99 9.89
N PHE A 75 -11.07 20.87 9.30
CA PHE A 75 -11.75 19.61 9.53
C PHE A 75 -10.89 18.71 10.41
N ARG A 76 -11.46 18.18 11.47
CA ARG A 76 -10.73 17.22 12.29
C ARG A 76 -11.62 16.06 12.70
N SER A 77 -11.14 14.85 12.45
CA SER A 77 -11.85 13.66 12.88
C SER A 77 -11.83 13.61 14.41
N ILE A 78 -12.89 13.09 15.00
CA ILE A 78 -12.93 12.94 16.44
C ILE A 78 -12.71 11.48 16.81
N ASP A 79 -11.65 11.23 17.57
CA ASP A 79 -11.16 9.88 17.83
C ASP A 79 -11.93 9.25 19.00
N ASP A 80 -13.23 9.05 18.81
CA ASP A 80 -14.13 8.73 19.91
C ASP A 80 -14.69 7.30 19.90
N GLY A 81 -14.02 6.39 19.20
CA GLY A 81 -14.53 5.03 19.12
C GLY A 81 -15.40 4.83 17.90
N GLY A 82 -15.58 5.88 17.11
CA GLY A 82 -16.06 5.72 15.76
C GLY A 82 -14.91 5.10 15.00
N GLY A 83 -15.17 4.53 13.84
CA GLY A 83 -16.51 4.43 13.30
C GLY A 83 -16.83 3.00 12.89
N GLY A 84 -16.10 2.50 11.90
CA GLY A 84 -16.41 1.23 11.27
C GLY A 84 -16.16 -0.04 12.06
N GLY A 85 -16.99 -1.05 11.81
CA GLY A 85 -18.06 -0.89 10.84
C GLY A 85 -18.73 -2.17 10.36
N GLY A 86 -17.98 -3.01 9.64
CA GLY A 86 -16.58 -2.79 9.36
C GLY A 86 -16.31 -1.85 8.20
N GLY A 87 -16.55 -0.56 8.44
CA GLY A 87 -16.12 0.47 7.51
C GLY A 87 -14.72 0.90 7.90
N SER A 88 -14.49 2.20 7.97
CA SER A 88 -13.19 2.73 8.34
C SER A 88 -13.33 4.17 8.81
N HIS A 89 -13.17 4.37 10.12
CA HIS A 89 -13.31 5.70 10.69
C HIS A 89 -12.57 6.73 9.84
N THR A 90 -11.34 6.41 9.45
CA THR A 90 -10.52 7.33 8.66
C THR A 90 -11.13 7.62 7.30
N ILE A 91 -11.45 6.56 6.55
CA ILE A 91 -12.01 6.72 5.21
C ILE A 91 -13.37 7.43 5.25
N GLU A 92 -14.21 7.05 6.21
CA GLU A 92 -15.52 7.68 6.38
C GLU A 92 -15.36 9.15 6.76
N PHE A 93 -14.31 9.45 7.51
CA PHE A 93 -13.97 10.84 7.79
C PHE A 93 -13.74 11.58 6.49
N PHE A 94 -12.89 11.01 5.64
CA PHE A 94 -12.54 11.62 4.37
C PHE A 94 -13.78 11.85 3.51
N GLU A 95 -14.75 10.94 3.64
CA GLU A 95 -15.97 11.04 2.83
C GLU A 95 -16.91 12.12 3.33
N MET A 96 -17.08 12.24 4.64
CA MET A 96 -17.86 13.34 5.21
C MET A 96 -17.34 14.68 4.70
N CYS A 97 -16.02 14.79 4.62
CA CYS A 97 -15.37 16.03 4.21
C CYS A 97 -15.58 16.31 2.74
N ALA A 98 -15.27 15.32 1.90
CA ALA A 98 -15.43 15.46 0.45
C ALA A 98 -16.85 15.87 0.08
N ASN A 99 -17.83 15.42 0.87
CA ASN A 99 -19.22 15.77 0.64
C ASN A 99 -19.49 17.23 0.98
N LEU A 100 -19.01 17.67 2.13
CA LEU A 100 -19.15 19.05 2.56
C LEU A 100 -18.43 20.01 1.61
N ILE A 101 -17.19 19.68 1.28
CA ILE A 101 -16.37 20.47 0.36
C ILE A 101 -17.03 20.57 -1.02
N LYS A 102 -17.77 19.53 -1.39
CA LYS A 102 -18.54 19.52 -2.63
C LYS A 102 -19.70 20.51 -2.55
N ILE A 103 -20.59 20.28 -1.59
CA ILE A 103 -21.77 21.13 -1.43
C ILE A 103 -21.38 22.59 -1.39
N LEU A 104 -20.24 22.89 -0.76
CA LEU A 104 -19.65 24.21 -0.84
C LEU A 104 -19.23 24.44 -2.30
N ALA A 105 -18.02 24.93 -2.51
CA ALA A 105 -17.52 25.13 -3.87
C ALA A 105 -18.57 25.75 -4.80
N SER B 17 -14.23 37.88 16.50
CA SER B 17 -13.52 37.30 15.37
C SER B 17 -12.93 35.92 15.71
N PRO B 18 -12.68 35.11 14.68
CA PRO B 18 -12.24 33.71 14.82
C PRO B 18 -10.80 33.64 15.28
N PRO B 19 -10.44 32.58 16.02
CA PRO B 19 -9.08 32.46 16.55
C PRO B 19 -8.05 32.48 15.42
N ILE B 20 -6.83 32.86 15.74
CA ILE B 20 -5.76 32.82 14.76
C ILE B 20 -5.17 31.41 14.70
N LEU B 21 -4.80 31.00 13.50
CA LEU B 21 -4.21 29.69 13.30
C LEU B 21 -3.13 29.42 14.33
N PRO B 22 -3.27 28.33 15.10
CA PRO B 22 -2.15 28.01 15.98
C PRO B 22 -0.98 27.55 15.12
N PRO B 23 0.24 28.02 15.42
CA PRO B 23 1.32 27.13 15.00
C PRO B 23 1.33 26.06 16.08
N HIS B 24 1.70 24.82 15.73
CA HIS B 24 2.33 24.51 14.47
C HIS B 24 1.36 23.86 13.47
N LEU B 25 0.11 24.31 13.48
CA LEU B 25 -0.86 23.83 12.52
C LEU B 25 -0.58 24.42 11.14
N LEU B 26 0.23 23.72 10.35
CA LEU B 26 0.66 24.21 9.04
C LEU B 26 -0.49 24.36 8.05
N GLN B 27 -0.46 25.43 7.28
CA GLN B 27 -1.47 25.74 6.29
C GLN B 27 -1.23 24.99 5.00
N VAL B 28 0.05 24.73 4.73
CA VAL B 28 0.47 24.06 3.52
C VAL B 28 1.62 23.11 3.82
N ILE B 29 1.62 21.96 3.16
CA ILE B 29 2.70 20.99 3.30
C ILE B 29 3.22 20.63 1.92
N LEU B 30 4.54 20.61 1.77
CA LEU B 30 5.14 20.30 0.48
C LEU B 30 5.94 19.00 0.55
N ASN B 31 5.72 18.14 -0.45
CA ASN B 31 6.45 16.89 -0.57
C ASN B 31 6.95 16.67 -2.00
N VAL B 49 0.83 17.79 16.33
CA VAL B 49 -0.46 18.41 16.68
C VAL B 49 -1.38 18.54 15.46
N MET B 50 -0.90 18.12 14.30
CA MET B 50 -1.74 18.15 13.11
C MET B 50 -2.53 16.86 12.99
N LEU B 51 -2.40 15.99 13.98
CA LEU B 51 -3.12 14.72 13.99
C LEU B 51 -4.62 14.94 13.81
N ASN B 52 -5.23 14.09 12.99
CA ASN B 52 -6.68 14.13 12.76
C ASN B 52 -7.15 15.26 11.85
N HIS B 53 -6.22 16.11 11.40
CA HIS B 53 -6.57 17.22 10.53
C HIS B 53 -6.58 16.85 9.04
N LEU B 54 -7.60 17.33 8.34
CA LEU B 54 -7.71 17.10 6.91
C LEU B 54 -6.77 17.98 6.11
N TYR B 55 -5.98 17.35 5.24
CA TYR B 55 -5.24 18.04 4.19
C TYR B 55 -5.73 17.54 2.86
N ALA B 56 -5.61 18.38 1.84
CA ALA B 56 -6.07 18.00 0.51
C ALA B 56 -5.26 18.69 -0.58
N LEU B 57 -5.10 18.00 -1.70
CA LEU B 57 -4.46 18.56 -2.88
C LEU B 57 -5.44 19.42 -3.66
N SER B 58 -4.92 20.38 -4.41
CA SER B 58 -5.72 21.09 -5.39
C SER B 58 -6.36 20.05 -6.29
N ILE B 59 -7.66 20.18 -6.56
CA ILE B 59 -8.35 19.23 -7.44
C ILE B 59 -7.80 19.22 -8.86
N LYS B 60 -7.76 18.04 -9.47
CA LYS B 60 -7.31 17.92 -10.85
C LYS B 60 -7.92 16.69 -11.49
N ASP B 61 -8.41 16.85 -12.72
CA ASP B 61 -9.02 15.75 -13.47
C ASP B 61 -10.19 15.16 -12.71
N SER B 62 -10.96 16.01 -12.04
CA SER B 62 -12.15 15.55 -11.31
C SER B 62 -11.81 14.54 -10.20
N VAL B 63 -10.53 14.36 -9.92
CA VAL B 63 -10.13 13.44 -8.84
C VAL B 63 -9.61 14.16 -7.60
N MET B 64 -10.19 13.80 -6.46
CA MET B 64 -9.87 14.41 -5.17
C MET B 64 -8.88 13.57 -4.36
N VAL B 65 -7.87 14.22 -3.79
CA VAL B 65 -6.89 13.54 -2.95
C VAL B 65 -6.90 14.09 -1.54
N LEU B 66 -7.40 13.29 -0.60
CA LEU B 66 -7.47 13.72 0.80
C LEU B 66 -6.44 12.99 1.67
N SER B 67 -5.95 13.69 2.69
CA SER B 67 -4.88 13.16 3.51
C SER B 67 -5.09 13.51 4.97
N ALA B 68 -4.53 12.69 5.86
CA ALA B 68 -4.57 12.95 7.29
C ALA B 68 -3.76 11.89 8.02
N THR B 69 -3.21 12.27 9.16
CA THR B 69 -2.48 11.33 10.01
C THR B 69 -3.27 10.98 11.26
N HIS B 70 -3.43 9.69 11.51
CA HIS B 70 -4.14 9.21 12.69
C HIS B 70 -3.26 8.29 13.51
N ARG B 71 -3.72 8.01 14.72
CA ARG B 71 -2.94 7.26 15.69
C ARG B 71 -3.67 6.02 16.15
N TYR B 72 -2.96 4.89 16.10
CA TYR B 72 -3.41 3.66 16.71
C TYR B 72 -2.40 3.26 17.78
N LYS B 73 -2.74 3.55 19.03
CA LYS B 73 -1.81 3.33 20.14
C LYS B 73 -0.62 4.14 19.66
N LYS B 74 0.56 3.52 19.70
CA LYS B 74 1.82 4.22 19.50
C LYS B 74 2.30 4.15 18.06
N LYS B 75 1.36 3.95 17.14
CA LYS B 75 1.69 3.87 15.73
C LYS B 75 0.92 4.94 14.95
N TYR B 76 1.59 5.55 13.98
CA TYR B 76 0.99 6.61 13.17
C TYR B 76 0.96 6.22 11.71
N VAL B 77 -0.18 6.48 11.06
CA VAL B 77 -0.25 6.32 9.62
C VAL B 77 -0.88 7.53 8.96
N THR B 78 -0.35 7.89 7.81
CA THR B 78 -0.89 8.97 7.01
C THR B 78 -1.60 8.32 5.85
N THR B 79 -2.91 8.50 5.78
CA THR B 79 -3.71 7.90 4.73
C THR B 79 -4.00 8.91 3.62
N LEU B 80 -3.78 8.51 2.38
CA LEU B 80 -4.20 9.27 1.22
C LEU B 80 -5.36 8.55 0.58
N LEU B 81 -6.48 9.25 0.38
CA LEU B 81 -7.59 8.68 -0.34
C LEU B 81 -7.75 9.37 -1.69
N TYR B 82 -7.59 8.60 -2.76
CA TYR B 82 -7.88 9.08 -4.10
C TYR B 82 -9.33 8.79 -4.43
N LYS B 83 -10.10 9.86 -4.65
CA LYS B 83 -11.54 9.74 -4.84
C LYS B 83 -12.02 10.65 -5.98
N PRO B 84 -12.68 10.06 -6.98
CA PRO B 84 -13.16 10.88 -8.10
C PRO B 84 -14.14 11.94 -7.63
N SER C 26 9.94 -25.37 17.52
CA SER C 26 11.03 -24.57 16.98
C SER C 26 10.99 -23.14 17.50
N VAL C 27 12.16 -22.56 17.70
CA VAL C 27 12.30 -21.20 18.21
C VAL C 27 11.65 -20.17 17.31
N TYR C 28 11.66 -20.46 16.01
CA TYR C 28 11.04 -19.58 15.04
C TYR C 28 9.53 -19.61 15.19
N THR C 29 9.02 -20.83 15.35
CA THR C 29 7.60 -21.04 15.53
C THR C 29 7.11 -20.42 16.84
N THR C 30 7.86 -20.64 17.91
CA THR C 30 7.47 -20.11 19.21
C THR C 30 7.44 -18.58 19.19
N PHE C 31 8.49 -17.98 18.65
CA PHE C 31 8.57 -16.53 18.50
C PHE C 31 7.35 -16.00 17.73
N MET C 32 7.07 -16.62 16.58
CA MET C 32 5.94 -16.20 15.76
C MET C 32 4.62 -16.22 16.52
N LYS C 33 4.41 -17.23 17.34
CA LYS C 33 3.14 -17.37 18.05
C LYS C 33 3.02 -16.43 19.24
N SER C 34 4.14 -15.90 19.71
CA SER C 34 4.14 -15.05 20.91
C SER C 34 4.18 -13.56 20.58
N HIS C 35 4.08 -13.22 19.31
CA HIS C 35 4.10 -11.82 18.91
C HIS C 35 2.91 -11.44 18.04
N ARG C 36 2.35 -10.27 18.31
CA ARG C 36 1.24 -9.72 17.52
C ARG C 36 1.79 -8.98 16.31
N CYS C 37 0.98 -8.90 15.27
CA CYS C 37 1.37 -8.19 14.06
C CYS C 37 1.71 -6.73 14.39
N TYR C 38 1.03 -6.19 15.38
CA TYR C 38 1.21 -4.80 15.78
C TYR C 38 2.67 -4.47 16.08
N ASP C 39 3.43 -5.45 16.56
CA ASP C 39 4.84 -5.26 16.90
C ASP C 39 5.69 -5.00 15.66
N LEU C 40 5.15 -5.31 14.49
CA LEU C 40 5.92 -5.21 13.24
C LEU C 40 5.74 -3.84 12.56
N ILE C 41 4.75 -3.08 13.01
CA ILE C 41 4.41 -1.81 12.38
C ILE C 41 5.38 -0.72 12.82
N PRO C 42 5.94 0.02 11.85
CA PRO C 42 6.86 1.13 12.12
C PRO C 42 6.12 2.20 12.88
N THR C 43 6.84 3.04 13.62
CA THR C 43 6.20 4.12 14.36
C THR C 43 5.40 5.00 13.41
N SER C 44 5.89 5.12 12.19
CA SER C 44 5.29 6.01 11.20
C SER C 44 5.30 5.44 9.78
N SER C 45 4.15 5.46 9.12
CA SER C 45 4.04 4.95 7.75
C SER C 45 2.99 5.72 6.95
N LYS C 46 3.03 5.56 5.63
CA LYS C 46 1.99 6.12 4.78
C LYS C 46 1.19 5.02 4.11
N LEU C 47 -0.10 5.28 3.89
CA LEU C 47 -0.97 4.34 3.22
C LEU C 47 -1.75 5.03 2.10
N VAL C 48 -1.77 4.41 0.92
CA VAL C 48 -2.50 4.96 -0.21
C VAL C 48 -3.73 4.10 -0.50
N VAL C 49 -4.91 4.72 -0.40
CA VAL C 49 -6.18 4.02 -0.67
C VAL C 49 -6.85 4.56 -1.92
N PHE C 50 -7.44 3.65 -2.69
CA PHE C 50 -8.17 4.02 -3.91
C PHE C 50 -9.65 3.71 -3.79
N ASP C 51 -10.49 4.71 -4.07
CA ASP C 51 -11.91 4.43 -4.25
C ASP C 51 -12.06 3.59 -5.51
N THR C 52 -12.82 2.49 -5.43
CA THR C 52 -12.96 1.58 -6.57
C THR C 52 -13.47 2.23 -7.86
N SER C 53 -14.12 3.38 -7.74
CA SER C 53 -14.64 4.03 -8.93
C SER C 53 -13.50 4.74 -9.66
N LEU C 54 -12.32 4.72 -9.05
CA LEU C 54 -11.15 5.37 -9.62
C LEU C 54 -10.77 4.77 -10.96
N GLN C 55 -10.31 5.61 -11.88
CA GLN C 55 -9.86 5.12 -13.16
C GLN C 55 -8.51 4.43 -13.01
N VAL C 56 -8.44 3.23 -13.56
CA VAL C 56 -7.27 2.39 -13.46
C VAL C 56 -5.97 3.14 -13.78
N LYS C 57 -5.99 3.98 -14.82
CA LYS C 57 -4.77 4.68 -15.23
C LYS C 57 -4.27 5.71 -14.21
N LYS C 58 -5.18 6.31 -13.45
CA LYS C 58 -4.77 7.27 -12.43
C LYS C 58 -4.32 6.53 -11.18
N ALA C 59 -4.93 5.37 -10.95
CA ALA C 59 -4.58 4.53 -9.83
C ALA C 59 -3.10 4.14 -9.91
N PHE C 60 -2.67 3.68 -11.08
CA PHE C 60 -1.32 3.15 -11.22
C PHE C 60 -0.25 4.23 -11.25
N PHE C 61 -0.64 5.43 -11.68
CA PHE C 61 0.24 6.57 -11.66
C PHE C 61 0.47 7.00 -10.21
N ALA C 62 -0.56 6.88 -9.39
CA ALA C 62 -0.49 7.26 -7.97
C ALA C 62 0.38 6.29 -7.16
N LEU C 63 0.43 5.03 -7.57
CA LEU C 63 1.36 4.10 -6.93
C LEU C 63 2.76 4.61 -7.14
N VAL C 64 3.09 4.90 -8.40
CA VAL C 64 4.41 5.37 -8.78
C VAL C 64 4.77 6.67 -8.04
N THR C 65 3.88 7.65 -8.15
CA THR C 65 4.10 8.94 -7.52
C THR C 65 4.37 8.83 -6.02
N ASN C 66 3.67 7.91 -5.37
CA ASN C 66 3.73 7.81 -3.92
C ASN C 66 4.79 6.84 -3.40
N GLY C 67 5.37 6.04 -4.30
CA GLY C 67 6.45 5.14 -3.94
C GLY C 67 5.99 3.94 -3.13
N VAL C 68 4.88 3.35 -3.57
CA VAL C 68 4.22 2.29 -2.84
C VAL C 68 3.90 1.16 -3.82
N ARG C 69 3.84 -0.07 -3.34
CA ARG C 69 3.70 -1.22 -4.23
C ARG C 69 2.29 -1.83 -4.26
N ALA C 70 1.42 -1.32 -3.38
CA ALA C 70 0.07 -1.85 -3.24
C ALA C 70 -0.83 -0.86 -2.53
N ALA C 71 -2.11 -0.84 -2.89
CA ALA C 71 -3.08 0.03 -2.25
C ALA C 71 -4.35 -0.74 -1.90
N PRO C 72 -4.84 -0.57 -0.66
CA PRO C 72 -6.18 -1.03 -0.28
C PRO C 72 -7.22 -0.40 -1.19
N LEU C 73 -8.27 -1.15 -1.55
CA LEU C 73 -9.34 -0.62 -2.38
C LEU C 73 -10.61 -0.44 -1.56
N TRP C 74 -11.19 0.76 -1.64
CA TRP C 74 -12.36 1.11 -0.86
C TRP C 74 -13.62 1.22 -1.73
N ASP C 75 -14.58 0.34 -1.46
CA ASP C 75 -15.87 0.40 -2.13
C ASP C 75 -16.78 1.34 -1.36
N SER C 76 -16.98 2.53 -1.89
CA SER C 76 -17.82 3.52 -1.23
C SER C 76 -19.24 3.00 -1.04
N LYS C 77 -19.79 2.35 -2.07
CA LYS C 77 -21.14 1.80 -2.01
C LYS C 77 -21.34 0.80 -0.87
N LYS C 78 -20.45 -0.18 -0.78
CA LYS C 78 -20.54 -1.19 0.27
C LYS C 78 -19.85 -0.71 1.56
N GLN C 79 -19.27 0.48 1.51
CA GLN C 79 -18.57 1.08 2.65
C GLN C 79 -17.63 0.11 3.34
N SER C 80 -16.66 -0.40 2.59
CA SER C 80 -15.60 -1.23 3.16
C SER C 80 -14.51 -1.53 2.14
N PHE C 81 -13.37 -1.99 2.64
CA PHE C 81 -12.27 -2.43 1.78
C PHE C 81 -12.64 -3.75 1.13
N VAL C 82 -12.39 -3.86 -0.17
CA VAL C 82 -12.82 -5.03 -0.92
C VAL C 82 -11.65 -5.79 -1.52
N GLY C 83 -10.48 -5.16 -1.56
CA GLY C 83 -9.32 -5.81 -2.15
C GLY C 83 -8.07 -4.95 -2.17
N MET C 84 -7.13 -5.34 -3.04
CA MET C 84 -5.84 -4.68 -3.13
C MET C 84 -5.47 -4.42 -4.59
N LEU C 85 -4.80 -3.30 -4.84
CA LEU C 85 -4.19 -3.07 -6.13
C LEU C 85 -2.68 -3.24 -6.02
N THR C 86 -2.14 -4.15 -6.82
CA THR C 86 -0.72 -4.45 -6.77
C THR C 86 -0.08 -4.35 -8.16
N ILE C 87 1.22 -4.59 -8.23
CA ILE C 87 1.95 -4.57 -9.50
C ILE C 87 1.48 -5.71 -10.40
N THR C 88 1.16 -6.84 -9.78
CA THR C 88 0.68 -7.99 -10.52
C THR C 88 -0.58 -7.61 -11.32
N ASP C 89 -1.46 -6.83 -10.70
CA ASP C 89 -2.64 -6.31 -11.39
C ASP C 89 -2.26 -5.44 -12.56
N PHE C 90 -1.43 -4.44 -12.29
CA PHE C 90 -0.93 -3.55 -13.32
C PHE C 90 -0.40 -4.34 -14.50
N ILE C 91 0.31 -5.42 -14.18
CA ILE C 91 0.92 -6.25 -15.20
C ILE C 91 -0.13 -6.98 -16.02
N ASN C 92 -1.07 -7.65 -15.35
CA ASN C 92 -2.22 -8.24 -16.01
C ASN C 92 -2.85 -7.24 -16.98
N ILE C 93 -3.06 -6.02 -16.48
CA ILE C 93 -3.72 -4.99 -17.26
C ILE C 93 -2.87 -4.50 -18.44
N LEU C 94 -1.56 -4.41 -18.22
CA LEU C 94 -0.64 -4.00 -19.28
C LEU C 94 -0.63 -5.05 -20.38
N HIS C 95 -0.75 -6.30 -19.97
CA HIS C 95 -0.65 -7.43 -20.88
C HIS C 95 -1.90 -7.49 -21.76
N ARG C 96 -3.06 -7.36 -21.12
CA ARG C 96 -4.34 -7.28 -21.82
C ARG C 96 -4.34 -6.13 -22.80
N TYR C 97 -3.97 -4.96 -22.30
CA TYR C 97 -3.94 -3.74 -23.11
C TYR C 97 -3.13 -3.96 -24.38
N TYR C 98 -1.96 -4.57 -24.23
CA TYR C 98 -1.05 -4.75 -25.34
C TYR C 98 -1.64 -5.65 -26.42
N LYS C 99 -2.25 -6.74 -25.99
CA LYS C 99 -2.85 -7.70 -26.92
C LYS C 99 -4.09 -7.12 -27.58
N SER C 100 -4.96 -6.53 -26.78
CA SER C 100 -6.18 -5.91 -27.28
C SER C 100 -5.87 -4.83 -28.32
N ALA C 101 -4.81 -4.05 -28.09
CA ALA C 101 -4.42 -3.02 -29.02
C ALA C 101 -4.12 -3.62 -30.39
N LEU C 102 -3.49 -4.79 -30.40
CA LEU C 102 -3.13 -5.45 -31.65
C LEU C 102 -4.36 -5.84 -32.46
N VAL C 103 -5.51 -5.79 -31.81
CA VAL C 103 -6.76 -6.15 -32.46
C VAL C 103 -7.75 -4.98 -32.31
N GLN C 104 -7.19 -3.79 -32.13
CA GLN C 104 -7.94 -2.53 -32.14
C GLN C 104 -9.01 -2.37 -31.05
N ILE C 105 -8.86 -3.11 -29.96
CA ILE C 105 -9.68 -2.85 -28.78
C ILE C 105 -8.88 -1.99 -27.80
N TYR C 106 -9.45 -0.85 -27.42
CA TYR C 106 -8.81 0.12 -26.52
C TYR C 106 -9.73 0.60 -25.41
N GLU C 107 -10.11 -0.30 -24.50
CA GLU C 107 -11.14 0.03 -23.52
C GLU C 107 -10.63 0.13 -22.10
N LEU C 108 -9.39 -0.28 -21.89
CA LEU C 108 -8.90 -0.54 -20.54
C LEU C 108 -8.46 0.74 -19.84
N GLU C 109 -8.07 1.73 -20.62
CA GLU C 109 -7.59 3.00 -20.08
C GLU C 109 -8.62 3.67 -19.17
N GLU C 110 -9.85 3.77 -19.65
CA GLU C 110 -10.90 4.53 -18.97
C GLU C 110 -11.66 3.71 -17.93
N HIS C 111 -11.45 2.39 -17.99
CA HIS C 111 -11.94 1.48 -16.96
C HIS C 111 -11.68 2.04 -15.57
N LYS C 112 -12.74 2.23 -14.79
CA LYS C 112 -12.55 2.42 -13.36
C LYS C 112 -12.13 1.08 -12.76
N ILE C 113 -11.65 1.10 -11.53
CA ILE C 113 -11.10 -0.10 -10.90
C ILE C 113 -12.16 -1.17 -10.72
N GLU C 114 -13.37 -0.73 -10.34
CA GLU C 114 -14.47 -1.65 -10.12
C GLU C 114 -14.84 -2.46 -11.36
N THR C 115 -14.80 -1.80 -12.52
CA THR C 115 -15.16 -2.45 -13.77
C THR C 115 -14.09 -3.44 -14.21
N TRP C 116 -12.83 -3.13 -13.96
CA TRP C 116 -11.78 -4.07 -14.32
C TRP C 116 -11.77 -5.29 -13.40
N ARG C 117 -12.14 -5.09 -12.14
CA ARG C 117 -12.29 -6.21 -11.23
C ARG C 117 -13.46 -7.08 -11.68
N GLU C 118 -14.54 -6.44 -12.13
CA GLU C 118 -15.70 -7.17 -12.64
C GLU C 118 -15.32 -8.02 -13.84
N VAL C 119 -14.48 -7.45 -14.70
CA VAL C 119 -13.97 -8.14 -15.89
C VAL C 119 -13.45 -9.54 -15.56
N TYR C 120 -12.87 -9.70 -14.39
CA TYR C 120 -12.43 -11.02 -13.93
C TYR C 120 -13.43 -11.64 -12.95
N LYS C 126 -11.14 -13.20 -5.89
CA LYS C 126 -10.08 -12.93 -4.92
C LYS C 126 -10.55 -11.99 -3.81
N PRO C 127 -11.28 -12.54 -2.82
CA PRO C 127 -11.81 -11.79 -1.68
C PRO C 127 -10.69 -11.20 -0.82
N LEU C 128 -10.95 -10.07 -0.18
CA LEU C 128 -9.93 -9.40 0.61
C LEU C 128 -9.47 -10.27 1.78
N VAL C 129 -8.18 -10.52 1.86
CA VAL C 129 -7.61 -11.16 3.03
C VAL C 129 -6.79 -10.17 3.84
N CYS C 130 -7.07 -10.12 5.13
CA CYS C 130 -6.45 -9.14 6.01
C CYS C 130 -6.19 -9.77 7.36
N ILE C 131 -5.72 -8.96 8.31
CA ILE C 131 -5.38 -9.50 9.61
C ILE C 131 -5.45 -8.45 10.68
N SER C 132 -5.90 -8.83 11.87
CA SER C 132 -6.02 -7.91 12.99
C SER C 132 -4.65 -7.62 13.58
N PRO C 133 -4.44 -6.38 14.04
CA PRO C 133 -3.16 -6.03 14.68
C PRO C 133 -2.89 -6.93 15.89
N ASN C 134 -3.95 -7.51 16.43
CA ASN C 134 -3.84 -8.34 17.62
C ASN C 134 -3.65 -9.81 17.27
N ALA C 135 -3.75 -10.12 15.99
CA ALA C 135 -3.50 -11.47 15.51
C ALA C 135 -2.02 -11.77 15.66
N SER C 136 -1.67 -13.06 15.69
CA SER C 136 -0.28 -13.46 15.85
C SER C 136 0.50 -13.32 14.54
N LEU C 137 1.81 -13.22 14.69
CA LEU C 137 2.71 -13.16 13.54
C LEU C 137 2.69 -14.49 12.83
N PHE C 138 2.43 -15.55 13.59
CA PHE C 138 2.29 -16.88 12.99
C PHE C 138 1.10 -16.89 12.03
N ASP C 139 0.00 -16.27 12.46
CA ASP C 139 -1.20 -16.18 11.64
C ASP C 139 -0.89 -15.39 10.38
N ALA C 140 -0.15 -14.31 10.55
CA ALA C 140 0.24 -13.49 9.41
C ALA C 140 0.97 -14.34 8.38
N VAL C 141 1.98 -15.07 8.83
CA VAL C 141 2.77 -15.89 7.93
C VAL C 141 1.92 -16.94 7.22
N SER C 142 1.11 -17.67 7.96
CA SER C 142 0.28 -18.72 7.35
C SER C 142 -0.64 -18.14 6.29
N SER C 143 -1.28 -17.02 6.64
CA SER C 143 -2.22 -16.40 5.74
C SER C 143 -1.60 -16.06 4.38
N LEU C 144 -0.39 -15.52 4.42
CA LEU C 144 0.34 -15.21 3.19
C LEU C 144 0.63 -16.47 2.38
N ILE C 145 1.16 -17.50 3.03
CA ILE C 145 1.44 -18.74 2.34
C ILE C 145 0.16 -19.37 1.76
N ARG C 146 -0.82 -19.62 2.62
CA ARG C 146 -2.07 -20.27 2.20
C ARG C 146 -2.83 -19.53 1.11
N ASN C 147 -2.74 -18.21 1.10
CA ASN C 147 -3.48 -17.43 0.12
C ASN C 147 -2.64 -17.01 -1.08
N LYS C 148 -1.37 -17.40 -1.05
CA LYS C 148 -0.44 -17.11 -2.15
C LYS C 148 -0.45 -15.62 -2.52
N ILE C 149 -0.45 -14.76 -1.51
CA ILE C 149 -0.33 -13.33 -1.72
C ILE C 149 0.99 -12.79 -1.16
N HIS C 150 1.19 -11.49 -1.27
CA HIS C 150 2.42 -10.88 -0.83
C HIS C 150 2.13 -9.65 0.02
N ARG C 151 0.85 -9.27 0.07
CA ARG C 151 0.44 -8.04 0.73
C ARG C 151 -0.67 -8.33 1.72
N LEU C 152 -0.35 -8.28 3.00
CA LEU C 152 -1.34 -8.51 4.03
C LEU C 152 -1.66 -7.22 4.77
N PRO C 153 -2.81 -6.60 4.48
CA PRO C 153 -3.18 -5.39 5.23
C PRO C 153 -3.53 -5.72 6.67
N VAL C 154 -2.94 -5.00 7.61
CA VAL C 154 -3.32 -5.08 9.01
C VAL C 154 -4.49 -4.13 9.28
N ILE C 155 -5.67 -4.70 9.49
CA ILE C 155 -6.87 -3.89 9.70
C ILE C 155 -7.38 -4.01 11.13
N ASP C 156 -7.53 -2.88 11.79
CA ASP C 156 -8.10 -2.83 13.13
C ASP C 156 -9.60 -3.08 13.04
N PRO C 157 -10.11 -4.08 13.79
CA PRO C 157 -11.54 -4.39 13.72
C PRO C 157 -12.38 -3.36 14.47
N GLU C 158 -11.75 -2.61 15.37
CA GLU C 158 -12.45 -1.59 16.14
C GLU C 158 -12.75 -0.37 15.29
N SER C 159 -11.71 0.28 14.80
CA SER C 159 -11.86 1.45 13.95
C SER C 159 -12.17 1.03 12.50
N GLY C 160 -11.73 -0.16 12.12
CA GLY C 160 -11.88 -0.66 10.77
C GLY C 160 -10.79 -0.11 9.85
N ASN C 161 -9.89 0.69 10.41
CA ASN C 161 -8.80 1.29 9.65
C ASN C 161 -7.71 0.29 9.24
N THR C 162 -7.32 0.31 7.98
CA THR C 162 -6.07 -0.36 7.60
C THR C 162 -4.92 0.44 8.23
N LEU C 163 -3.99 -0.26 8.86
CA LEU C 163 -2.91 0.38 9.59
C LEU C 163 -1.58 0.30 8.85
N TYR C 164 -1.38 -0.80 8.15
CA TYR C 164 -0.08 -1.12 7.59
C TYR C 164 -0.27 -2.26 6.62
N ILE C 165 0.62 -2.38 5.65
CA ILE C 165 0.64 -3.53 4.76
C ILE C 165 1.87 -4.34 5.09
N LEU C 166 1.63 -5.59 5.51
CA LEU C 166 2.67 -6.46 6.03
C LEU C 166 3.22 -7.33 4.90
N THR C 167 4.54 -7.57 4.92
CA THR C 167 5.20 -8.29 3.83
C THR C 167 6.17 -9.35 4.35
N HIS C 168 6.60 -10.22 3.45
CA HIS C 168 7.56 -11.25 3.79
C HIS C 168 8.85 -10.60 4.25
N LYS C 169 9.27 -9.58 3.52
CA LYS C 169 10.53 -8.91 3.82
C LYS C 169 10.53 -8.38 5.23
N ARG C 170 9.47 -7.66 5.59
CA ARG C 170 9.33 -7.06 6.91
C ARG C 170 9.43 -8.11 8.01
N ILE C 171 8.73 -9.22 7.80
CA ILE C 171 8.64 -10.28 8.79
C ILE C 171 9.97 -10.99 9.00
N LEU C 172 10.64 -11.32 7.90
CA LEU C 172 11.92 -11.99 7.98
C LEU C 172 13.00 -11.10 8.60
N LYS C 173 12.87 -9.80 8.41
CA LYS C 173 13.84 -8.87 8.98
C LYS C 173 13.64 -8.83 10.50
N PHE C 174 12.37 -8.75 10.90
CA PHE C 174 11.98 -8.73 12.30
C PHE C 174 12.49 -9.98 13.03
N LEU C 175 12.24 -11.14 12.45
CA LEU C 175 12.70 -12.41 13.02
C LEU C 175 14.20 -12.43 13.21
N LYS C 176 14.93 -12.10 12.15
CA LYS C 176 16.39 -12.04 12.21
C LYS C 176 16.84 -11.11 13.34
N LEU C 177 16.21 -9.95 13.45
CA LEU C 177 16.62 -8.96 14.43
C LEU C 177 16.32 -9.39 15.86
N PHE C 178 15.12 -9.90 16.08
CA PHE C 178 14.65 -10.10 17.46
C PHE C 178 14.78 -11.51 17.98
N ILE C 179 15.21 -12.43 17.13
CA ILE C 179 15.48 -13.76 17.63
C ILE C 179 16.95 -13.88 18.00
N THR C 180 17.17 -14.37 19.22
CA THR C 180 18.50 -14.63 19.73
C THR C 180 19.23 -15.68 18.89
N GLU C 181 20.50 -15.43 18.60
CA GLU C 181 21.29 -16.31 17.75
C GLU C 181 21.42 -17.75 18.28
N PHE C 182 21.50 -17.89 19.60
CA PHE C 182 21.42 -19.20 20.27
C PHE C 182 20.43 -19.12 21.41
N PRO C 183 19.59 -20.16 21.57
CA PRO C 183 19.66 -21.46 20.91
C PRO C 183 19.47 -21.38 19.42
N LYS C 184 20.32 -22.10 18.69
CA LYS C 184 20.23 -22.15 17.24
C LYS C 184 19.84 -23.55 16.80
N PRO C 185 18.72 -23.66 16.06
CA PRO C 185 18.29 -24.98 15.59
C PRO C 185 19.37 -25.51 14.68
N GLU C 186 19.48 -26.83 14.57
CA GLU C 186 20.57 -27.41 13.78
C GLU C 186 20.35 -27.26 12.28
N PHE C 187 19.11 -27.18 11.84
CA PHE C 187 18.84 -27.03 10.41
C PHE C 187 19.37 -25.70 9.88
N MET C 188 19.54 -24.72 10.77
CA MET C 188 20.10 -23.43 10.39
C MET C 188 21.50 -23.57 9.82
N SER C 189 22.19 -24.65 10.17
CA SER C 189 23.56 -24.90 9.72
C SER C 189 23.60 -25.88 8.53
N LYS C 190 22.43 -26.30 8.09
CA LYS C 190 22.32 -27.21 6.96
C LYS C 190 22.37 -26.46 5.63
N SER C 191 22.98 -27.08 4.63
CA SER C 191 23.12 -26.46 3.31
C SER C 191 21.80 -26.51 2.54
N LEU C 192 21.64 -25.59 1.60
CA LEU C 192 20.50 -25.61 0.71
C LEU C 192 20.30 -27.00 0.14
N GLU C 193 21.38 -27.58 -0.36
CA GLU C 193 21.39 -28.91 -0.92
C GLU C 193 20.57 -29.87 -0.05
N GLU C 194 20.86 -29.87 1.24
CA GLU C 194 20.24 -30.81 2.17
C GLU C 194 18.80 -30.46 2.46
N LEU C 195 18.55 -29.19 2.73
CA LEU C 195 17.22 -28.72 3.12
C LEU C 195 16.24 -28.75 1.95
N GLN C 196 16.75 -28.49 0.75
CA GLN C 196 15.92 -28.45 -0.45
C GLN C 196 14.87 -27.35 -0.38
N ILE C 197 15.30 -26.14 -0.06
CA ILE C 197 14.39 -25.01 0.07
C ILE C 197 14.49 -24.14 -1.17
N GLY C 198 13.36 -23.91 -1.82
CA GLY C 198 13.35 -23.12 -3.04
C GLY C 198 12.94 -23.95 -4.25
N THR C 199 13.02 -23.33 -5.42
CA THR C 199 12.57 -23.98 -6.65
C THR C 199 13.74 -24.26 -7.60
N TYR C 200 13.82 -25.50 -8.07
CA TYR C 200 14.97 -25.97 -8.86
C TYR C 200 14.58 -26.68 -10.16
N ALA C 201 13.42 -26.32 -10.69
CA ALA C 201 12.93 -26.93 -11.93
C ALA C 201 11.98 -25.96 -12.62
N ASN C 202 12.16 -25.81 -13.92
CA ASN C 202 11.29 -24.94 -14.70
C ASN C 202 11.39 -23.51 -14.20
N ILE C 203 12.62 -23.03 -14.11
CA ILE C 203 12.88 -21.65 -13.72
C ILE C 203 12.55 -20.73 -14.89
N ALA C 204 11.49 -19.94 -14.74
CA ALA C 204 11.18 -18.94 -15.74
C ALA C 204 12.30 -17.91 -15.83
N MET C 205 12.90 -17.79 -17.01
CA MET C 205 13.99 -16.84 -17.21
C MET C 205 13.82 -16.13 -18.52
N VAL C 206 14.41 -14.94 -18.64
CA VAL C 206 14.42 -14.24 -19.92
C VAL C 206 15.85 -14.05 -20.38
N ARG C 207 16.01 -13.67 -21.63
CA ARG C 207 17.33 -13.37 -22.18
C ARG C 207 17.52 -11.88 -22.37
N THR C 208 18.78 -11.48 -22.43
CA THR C 208 19.16 -10.08 -22.58
C THR C 208 18.37 -9.40 -23.69
N THR C 209 18.14 -10.15 -24.76
CA THR C 209 17.51 -9.62 -25.97
C THR C 209 16.02 -9.90 -25.99
N THR C 210 15.39 -9.87 -24.82
CA THR C 210 13.98 -10.23 -24.71
C THR C 210 13.11 -9.00 -24.46
N PRO C 211 12.14 -8.76 -25.35
CA PRO C 211 11.23 -7.61 -25.25
C PRO C 211 10.42 -7.64 -23.97
N VAL C 212 10.17 -6.47 -23.40
CA VAL C 212 9.44 -6.36 -22.14
C VAL C 212 8.03 -6.97 -22.20
N TYR C 213 7.37 -6.85 -23.34
CA TYR C 213 6.03 -7.42 -23.48
C TYR C 213 6.08 -8.94 -23.38
N VAL C 214 7.20 -9.52 -23.81
CA VAL C 214 7.40 -10.96 -23.68
C VAL C 214 7.49 -11.35 -22.21
N ALA C 215 8.19 -10.51 -21.44
CA ALA C 215 8.36 -10.74 -20.01
C ALA C 215 7.00 -10.74 -19.31
N LEU C 216 6.15 -9.80 -19.71
CA LEU C 216 4.80 -9.71 -19.17
C LEU C 216 4.05 -11.01 -19.35
N GLY C 217 4.09 -11.54 -20.56
CA GLY C 217 3.46 -12.80 -20.85
C GLY C 217 3.91 -13.87 -19.88
N ILE C 218 5.21 -13.96 -19.67
CA ILE C 218 5.79 -14.90 -18.72
C ILE C 218 5.32 -14.63 -17.28
N PHE C 219 5.39 -13.37 -16.86
CA PHE C 219 4.88 -13.02 -15.54
C PHE C 219 3.43 -13.46 -15.37
N VAL C 220 2.59 -13.08 -16.32
CA VAL C 220 1.17 -13.39 -16.24
C VAL C 220 0.92 -14.90 -16.26
N GLN C 221 1.77 -15.64 -16.95
CA GLN C 221 1.58 -17.08 -17.10
C GLN C 221 2.16 -17.88 -15.94
N HIS C 222 3.27 -17.41 -15.40
CA HIS C 222 3.99 -18.21 -14.41
C HIS C 222 3.78 -17.74 -12.98
N ARG C 223 3.13 -16.59 -12.79
CA ARG C 223 2.82 -16.07 -11.47
C ARG C 223 4.07 -16.14 -10.61
N VAL C 224 5.05 -15.36 -11.01
CA VAL C 224 6.38 -15.41 -10.44
C VAL C 224 6.84 -13.97 -10.32
N SER C 225 7.56 -13.64 -9.26
CA SER C 225 7.83 -12.24 -8.94
C SER C 225 8.99 -11.59 -9.72
N ALA C 226 9.88 -12.40 -10.27
CA ALA C 226 11.02 -11.88 -11.02
C ALA C 226 11.65 -12.95 -11.88
N LEU C 227 12.27 -12.53 -12.98
CA LEU C 227 12.86 -13.44 -13.95
C LEU C 227 14.35 -13.15 -14.08
N PRO C 228 15.17 -14.19 -13.93
CA PRO C 228 16.60 -14.02 -14.23
C PRO C 228 16.84 -13.70 -15.70
N VAL C 229 17.71 -12.73 -15.95
CA VAL C 229 18.18 -12.46 -17.29
C VAL C 229 19.46 -13.25 -17.49
N VAL C 230 19.44 -14.22 -18.40
CA VAL C 230 20.63 -15.05 -18.65
C VAL C 230 21.19 -14.82 -20.06
N ASP C 231 22.27 -15.52 -20.38
CA ASP C 231 22.89 -15.39 -21.70
C ASP C 231 22.79 -16.69 -22.49
N GLU C 232 23.57 -16.75 -23.57
CA GLU C 232 23.57 -17.90 -24.46
C GLU C 232 23.84 -19.21 -23.72
N LYS C 233 24.68 -19.15 -22.69
CA LYS C 233 25.11 -20.35 -21.99
C LYS C 233 24.39 -20.52 -20.65
N GLY C 234 23.39 -19.69 -20.40
CA GLY C 234 22.55 -19.84 -19.22
C GLY C 234 23.05 -19.13 -17.98
N ARG C 235 24.08 -18.29 -18.14
CA ARG C 235 24.65 -17.58 -17.00
C ARG C 235 23.87 -16.31 -16.68
N VAL C 236 23.53 -16.14 -15.41
CA VAL C 236 22.78 -14.97 -14.97
C VAL C 236 23.64 -13.72 -15.06
N VAL C 237 23.10 -12.67 -15.68
CA VAL C 237 23.82 -11.39 -15.75
C VAL C 237 22.96 -10.26 -15.20
N ASP C 238 21.66 -10.51 -15.08
CA ASP C 238 20.75 -9.54 -14.47
C ASP C 238 19.45 -10.17 -13.97
N ILE C 239 18.58 -9.34 -13.42
CA ILE C 239 17.29 -9.77 -12.89
C ILE C 239 16.20 -8.76 -13.25
N TYR C 240 15.10 -9.24 -13.81
CA TYR C 240 13.98 -8.37 -14.17
C TYR C 240 12.78 -8.61 -13.27
N SER C 241 12.58 -7.74 -12.30
CA SER C 241 11.53 -7.92 -11.30
C SER C 241 10.20 -7.32 -11.76
N LYS C 242 9.13 -7.63 -11.04
CA LYS C 242 7.85 -7.03 -11.32
C LYS C 242 7.88 -5.57 -10.91
N PHE C 243 8.65 -5.30 -9.85
CA PHE C 243 8.88 -3.95 -9.38
C PHE C 243 9.49 -3.06 -10.45
N ASP C 244 10.26 -3.68 -11.35
CA ASP C 244 10.92 -2.95 -12.43
C ASP C 244 9.98 -2.62 -13.58
N VAL C 245 8.70 -2.92 -13.41
CA VAL C 245 7.76 -2.71 -14.51
C VAL C 245 6.85 -1.49 -14.35
N ILE C 246 6.46 -1.17 -13.11
CA ILE C 246 5.65 0.02 -12.89
C ILE C 246 6.41 1.28 -13.19
N ASN C 247 7.74 1.16 -13.29
CA ASN C 247 8.57 2.28 -13.69
C ASN C 247 8.06 2.84 -15.00
N LEU C 248 7.11 2.13 -15.60
CA LEU C 248 6.60 2.45 -16.92
C LEU C 248 5.23 3.11 -16.88
N ALA C 249 4.62 3.19 -15.71
CA ALA C 249 3.37 3.91 -15.53
C ALA C 249 3.67 5.39 -15.28
N ALA C 250 4.96 5.69 -15.14
CA ALA C 250 5.42 7.06 -14.97
C ALA C 250 5.87 7.64 -16.31
N ASN C 256 5.59 1.85 -24.89
CA ASN C 256 7.01 1.74 -24.65
C ASN C 256 7.44 0.34 -24.21
N LEU C 257 6.63 -0.65 -24.56
CA LEU C 257 6.86 -2.02 -24.13
C LEU C 257 7.71 -2.78 -25.14
N ASP C 258 8.29 -2.06 -26.08
CA ASP C 258 9.02 -2.69 -27.18
C ASP C 258 10.50 -2.89 -26.89
N VAL C 259 11.07 -2.01 -26.07
CA VAL C 259 12.48 -2.09 -25.72
C VAL C 259 12.80 -3.46 -25.10
N SER C 260 14.05 -3.87 -25.19
CA SER C 260 14.48 -5.13 -24.59
C SER C 260 14.52 -5.04 -23.07
N VAL C 261 14.62 -6.19 -22.42
CA VAL C 261 14.75 -6.23 -20.97
C VAL C 261 16.00 -5.47 -20.52
N THR C 262 17.11 -5.70 -21.20
CA THR C 262 18.37 -5.04 -20.90
C THR C 262 18.22 -3.52 -20.89
N LYS C 263 17.55 -3.01 -21.92
CA LYS C 263 17.38 -1.58 -22.07
C LYS C 263 16.53 -1.00 -20.95
N ALA C 264 15.47 -1.72 -20.59
CA ALA C 264 14.54 -1.24 -19.57
C ALA C 264 15.19 -1.20 -18.19
N LEU C 265 16.30 -1.91 -18.03
CA LEU C 265 17.02 -1.96 -16.76
C LEU C 265 18.19 -0.99 -16.74
N GLN C 266 18.11 0.04 -17.58
CA GLN C 266 19.11 1.09 -17.60
C GLN C 266 18.65 2.26 -16.76
N HIS C 267 17.34 2.43 -16.67
CA HIS C 267 16.75 3.42 -15.78
C HIS C 267 16.77 2.89 -14.34
N ARG C 268 17.75 2.03 -14.06
CA ARG C 268 17.95 1.48 -12.74
C ARG C 268 18.09 2.61 -11.72
N SER C 269 17.05 2.79 -10.92
CA SER C 269 16.96 3.94 -10.02
C SER C 269 17.85 3.81 -8.78
N HIS C 270 18.04 2.58 -8.29
CA HIS C 270 18.88 2.35 -7.13
C HIS C 270 20.27 1.84 -7.53
N TYR C 271 21.26 2.10 -6.67
CA TYR C 271 22.63 1.64 -6.89
C TYR C 271 22.68 0.12 -6.95
N PHE C 272 23.33 -0.40 -7.99
CA PHE C 272 23.23 -1.81 -8.34
C PHE C 272 24.60 -2.48 -8.40
N GLU C 273 24.95 -3.19 -7.33
CA GLU C 273 26.21 -3.92 -7.26
C GLU C 273 26.23 -5.10 -8.24
N GLY C 274 25.05 -5.54 -8.63
CA GLY C 274 24.93 -6.70 -9.49
C GLY C 274 23.88 -7.67 -8.96
N VAL C 275 23.88 -8.89 -9.48
CA VAL C 275 22.88 -9.87 -9.09
C VAL C 275 23.29 -10.63 -7.82
N LEU C 276 22.36 -10.72 -6.88
CA LEU C 276 22.58 -11.40 -5.61
C LEU C 276 22.25 -12.88 -5.74
N LYS C 277 23.25 -13.71 -5.48
CA LYS C 277 23.14 -15.13 -5.73
C LYS C 277 23.59 -15.94 -4.53
N CYS C 278 23.45 -17.26 -4.63
CA CYS C 278 23.93 -18.15 -3.60
C CYS C 278 24.22 -19.53 -4.19
N TYR C 279 25.02 -20.32 -3.48
CA TYR C 279 25.37 -21.66 -3.94
C TYR C 279 24.68 -22.69 -3.05
N LEU C 280 24.60 -23.92 -3.52
CA LEU C 280 23.85 -24.95 -2.81
C LEU C 280 24.51 -25.37 -1.50
N HIS C 281 25.82 -25.17 -1.41
CA HIS C 281 26.57 -25.58 -0.23
C HIS C 281 26.34 -24.62 0.93
N GLU C 282 25.85 -23.43 0.63
CA GLU C 282 25.67 -22.40 1.65
C GLU C 282 24.54 -22.78 2.58
N THR C 283 24.61 -22.32 3.82
CA THR C 283 23.67 -22.72 4.87
C THR C 283 22.46 -21.80 4.88
N LEU C 284 21.36 -22.29 5.43
CA LEU C 284 20.16 -21.50 5.61
C LEU C 284 20.49 -20.17 6.29
N GLU C 285 21.20 -20.25 7.40
CA GLU C 285 21.58 -19.05 8.16
C GLU C 285 22.27 -18.01 7.29
N ALA C 286 23.24 -18.46 6.50
CA ALA C 286 23.99 -17.56 5.65
C ALA C 286 23.04 -16.91 4.63
N ILE C 287 22.10 -17.71 4.16
CA ILE C 287 21.15 -17.27 3.15
C ILE C 287 20.09 -16.31 3.71
N ILE C 288 19.60 -16.59 4.90
CA ILE C 288 18.70 -15.67 5.58
C ILE C 288 19.41 -14.34 5.81
N ASN C 289 20.66 -14.40 6.21
CA ASN C 289 21.42 -13.18 6.48
C ASN C 289 21.59 -12.34 5.23
N ARG C 290 22.03 -12.99 4.15
CA ARG C 290 22.19 -12.30 2.87
C ARG C 290 20.88 -11.62 2.47
N LEU C 291 19.79 -12.38 2.57
CA LEU C 291 18.47 -11.90 2.18
C LEU C 291 18.04 -10.68 2.98
N VAL C 292 18.23 -10.73 4.29
CA VAL C 292 17.75 -9.65 5.15
C VAL C 292 18.59 -8.40 4.94
N GLU C 293 19.90 -8.58 4.85
CA GLU C 293 20.79 -7.46 4.65
C GLU C 293 20.67 -6.88 3.24
N ALA C 294 20.49 -7.75 2.24
CA ALA C 294 20.34 -7.32 0.86
C ALA C 294 19.00 -6.62 0.64
N GLU C 295 17.96 -7.10 1.30
CA GLU C 295 16.63 -6.51 1.22
C GLU C 295 15.96 -6.70 -0.15
N VAL C 296 16.29 -7.80 -0.82
CA VAL C 296 15.59 -8.20 -2.04
C VAL C 296 14.70 -9.41 -1.75
N HIS C 297 13.77 -9.68 -2.65
CA HIS C 297 12.76 -10.71 -2.41
C HIS C 297 13.31 -12.13 -2.61
N ARG C 298 14.43 -12.27 -3.31
CA ARG C 298 14.99 -13.60 -3.56
C ARG C 298 16.44 -13.57 -3.99
N LEU C 299 17.08 -14.73 -3.88
CA LEU C 299 18.40 -14.99 -4.43
C LEU C 299 18.30 -15.98 -5.59
N VAL C 300 19.11 -15.76 -6.60
CA VAL C 300 19.26 -16.73 -7.67
C VAL C 300 20.29 -17.78 -7.26
N VAL C 301 19.86 -19.03 -7.13
CA VAL C 301 20.81 -20.11 -6.93
C VAL C 301 21.60 -20.37 -8.21
N VAL C 302 22.91 -20.54 -8.06
CA VAL C 302 23.81 -20.57 -9.19
C VAL C 302 24.94 -21.54 -8.89
N ASP C 303 25.71 -21.91 -9.92
CA ASP C 303 26.89 -22.76 -9.71
C ASP C 303 28.20 -21.97 -9.88
N GLU C 304 29.32 -22.67 -9.98
CA GLU C 304 30.61 -22.00 -10.11
C GLU C 304 30.64 -21.10 -11.34
N HIS C 305 29.87 -21.46 -12.37
CA HIS C 305 29.91 -20.76 -13.65
C HIS C 305 28.89 -19.65 -13.78
N ASP C 306 28.13 -19.40 -12.72
CA ASP C 306 27.07 -18.39 -12.74
C ASP C 306 25.82 -18.87 -13.48
N VAL C 307 25.77 -20.16 -13.76
CA VAL C 307 24.59 -20.76 -14.36
C VAL C 307 23.53 -20.93 -13.26
N VAL C 308 22.29 -20.55 -13.57
CA VAL C 308 21.23 -20.60 -12.56
C VAL C 308 20.67 -22.00 -12.42
N LYS C 309 20.63 -22.48 -11.18
CA LYS C 309 20.18 -23.83 -10.88
C LYS C 309 18.84 -23.80 -10.13
N GLY C 310 18.45 -22.60 -9.70
CA GLY C 310 17.21 -22.44 -8.97
C GLY C 310 17.00 -21.05 -8.40
N ILE C 311 15.87 -20.87 -7.73
CA ILE C 311 15.54 -19.62 -7.07
C ILE C 311 15.24 -19.90 -5.61
N VAL C 312 15.71 -19.03 -4.72
CA VAL C 312 15.35 -19.15 -3.32
C VAL C 312 14.75 -17.83 -2.82
N SER C 313 13.45 -17.88 -2.56
CA SER C 313 12.66 -16.68 -2.26
C SER C 313 12.30 -16.58 -0.78
N LEU C 314 11.99 -15.37 -0.35
CA LEU C 314 11.48 -15.17 1.01
C LEU C 314 10.29 -16.08 1.32
N SER C 315 9.48 -16.36 0.31
CA SER C 315 8.32 -17.26 0.45
C SER C 315 8.80 -18.67 0.87
N ASP C 316 9.80 -19.18 0.17
CA ASP C 316 10.36 -20.49 0.47
C ASP C 316 10.88 -20.56 1.89
N ILE C 317 11.63 -19.54 2.30
CA ILE C 317 12.26 -19.53 3.61
C ILE C 317 11.25 -19.44 4.75
N LEU C 318 10.30 -18.52 4.63
CA LEU C 318 9.28 -18.37 5.65
C LEU C 318 8.43 -19.64 5.73
N GLN C 319 8.10 -20.23 4.59
CA GLN C 319 7.36 -21.48 4.59
C GLN C 319 8.15 -22.55 5.35
N ALA C 320 9.45 -22.57 5.12
CA ALA C 320 10.33 -23.53 5.76
C ALA C 320 10.42 -23.32 7.28
N LEU C 321 10.44 -22.06 7.71
CA LEU C 321 10.54 -21.76 9.13
C LEU C 321 9.23 -22.02 9.86
N VAL C 322 8.14 -22.11 9.10
CA VAL C 322 6.83 -22.25 9.69
C VAL C 322 6.40 -23.71 9.70
N LEU C 323 7.04 -24.52 8.85
CA LEU C 323 6.89 -25.97 8.92
C LEU C 323 8.16 -26.53 9.56
N THR C 324 9.03 -25.62 9.99
CA THR C 324 10.33 -25.97 10.57
C THR C 324 11.04 -27.05 9.76
PG ATP D . 8.89 -6.90 -1.70
O1G ATP D . 7.99 -6.52 -0.54
O2G ATP D . 8.18 -7.22 -2.97
O3G ATP D . 9.94 -7.91 -1.33
PB ATP D . 10.21 -5.16 -3.52
O1B ATP D . 10.28 -3.67 -3.55
O2B ATP D . 9.35 -5.85 -4.52
O3B ATP D . 9.74 -5.56 -2.04
PA ATP D . 12.13 -6.72 -4.87
O1A ATP D . 13.03 -7.78 -4.32
O2A ATP D . 10.91 -7.15 -5.63
O3A ATP D . 11.71 -5.72 -3.68
O5' ATP D . 12.98 -5.80 -5.89
C5' ATP D . 13.78 -4.72 -5.39
C4' ATP D . 14.81 -4.33 -6.44
O4' ATP D . 16.00 -5.09 -6.22
C3' ATP D . 14.30 -4.66 -7.83
O3' ATP D . 14.40 -3.50 -8.67
C2' ATP D . 15.20 -5.76 -8.34
O2' ATP D . 15.64 -5.51 -9.68
C1' ATP D . 16.38 -5.81 -7.39
N9 ATP D . 16.62 -7.23 -7.05
C8 ATP D . 15.70 -8.08 -6.57
N7 ATP D . 16.23 -9.30 -6.37
C5 ATP D . 17.52 -9.26 -6.73
C6 ATP D . 18.66 -10.22 -6.79
N6 ATP D . 18.51 -11.50 -6.39
N1 ATP D . 19.84 -9.76 -7.24
C2 ATP D . 20.02 -8.48 -7.63
N3 ATP D . 19.04 -7.57 -7.62
C4 ATP D . 17.78 -7.89 -7.19
PG ATP E . 4.96 -9.56 -6.16
O1G ATP E . 5.00 -9.49 -4.66
O2G ATP E . 5.87 -8.60 -6.85
O3G ATP E . 5.07 -10.98 -6.68
PB ATP E . 2.47 -8.31 -5.63
O1B ATP E . 2.85 -8.45 -4.20
O2B ATP E . 2.36 -6.92 -6.16
O3B ATP E . 3.46 -9.15 -6.57
PA ATP E . 0.50 -10.26 -4.98
O1A ATP E . 0.36 -9.87 -3.54
O2A ATP E . 1.27 -11.48 -5.35
O3A ATP E . 1.06 -9.04 -5.86
O5' ATP E . -0.98 -10.35 -5.58
C5' ATP E . -1.42 -11.35 -6.48
C4' ATP E . -2.90 -11.08 -6.69
O4' ATP E . -3.55 -11.22 -5.42
C3' ATP E . -3.12 -9.66 -7.16
O3' ATP E . -4.06 -9.67 -8.24
C2' ATP E . -3.72 -8.93 -5.97
O2' ATP E . -4.78 -8.07 -6.37
C1' ATP E . -4.24 -10.03 -5.06
N9 ATP E . -3.99 -9.68 -3.64
C8 ATP E . -2.83 -9.25 -3.12
N7 ATP E . -2.95 -9.02 -1.79
C5 ATP E . -4.21 -9.30 -1.43
C6 ATP E . -5.00 -9.27 -0.18
N6 ATP E . -4.44 -8.88 1.00
N1 ATP E . -6.30 -9.64 -0.26
C2 ATP E . -6.87 -10.03 -1.41
N3 ATP E . -6.21 -10.08 -2.58
C4 ATP E . -4.90 -9.73 -2.66
P AMP F . 8.00 -15.32 -5.19
O1P AMP F . 7.46 -14.87 -3.86
O2P AMP F . 9.44 -14.96 -5.43
O3P AMP F . 7.10 -15.08 -6.36
O5' AMP F . 8.06 -16.91 -5.08
C5' AMP F . 6.92 -17.77 -5.13
C4' AMP F . 7.39 -19.17 -5.55
O4' AMP F . 7.77 -19.12 -6.91
C3' AMP F . 8.61 -19.60 -4.76
O3' AMP F . 8.51 -21.00 -4.50
C2' AMP F . 9.76 -19.38 -5.69
O2' AMP F . 10.79 -20.34 -5.50
C1' AMP F . 9.14 -19.50 -7.07
N9 AMP F . 9.82 -18.66 -8.10
C8 AMP F . 10.19 -17.38 -8.01
N7 AMP F . 10.79 -16.96 -9.15
C5 AMP F . 10.80 -17.98 -10.02
C6 AMP F . 11.27 -18.22 -11.40
N6 AMP F . 11.89 -17.25 -12.13
N1 AMP F . 11.07 -19.45 -11.91
C2 AMP F . 10.48 -20.44 -11.21
N3 AMP F . 10.03 -20.29 -9.96
C4 AMP F . 10.16 -19.11 -9.32
#